data_4KFJ
#
_entry.id   4KFJ
#
_cell.length_a   87.811
_cell.length_b   94.075
_cell.length_c   96.294
_cell.angle_alpha   90.00
_cell.angle_beta   90.00
_cell.angle_gamma   90.00
#
_symmetry.space_group_name_H-M   'C 2 2 21'
#
loop_
_entity.id
_entity.type
_entity.pdbx_description
1 polymer 'Dihydrofolate reductase'
2 non-polymer 'NADPH DIHYDRO-NICOTINAMIDE-ADENINE-DINUCLEOTIDE PHOSPHATE'
3 non-polymer 6-ethyl-5-{3-[3-(isoquinolin-5-yl)-5-methoxyphenyl]prop-1-yn-1-yl}pyrimidine-2,4-diamine
4 non-polymer 'MAGNESIUM ION'
5 non-polymer 'CHLORIDE ION'
6 non-polymer ETHANOL
7 non-polymer 'FOLIC ACID'
8 water water
#
_entity_poly.entity_id   1
_entity_poly.type   'polypeptide(L)'
_entity_poly.pdbx_seq_one_letter_code
;VGSLNCIVAVSQNMGIGKNGDLPWPPLRNEFRYFQRMTTTSSVEGKQNLVIMGKKTWFSIPEKNRPLKGRINLVLSRELK
EPPQGAHFLSRSLDDALKLTEQPELANKVDMVWIVGGSSVYKEAMNHPGHLKLFVTRIMQDFESDTFFPEIDLEKYKLLP
EYPGVLSDVQEEKGIKYKFEVYEKND
;
_entity_poly.pdbx_strand_id   A,B
#
loop_
_chem_comp.id
_chem_comp.type
_chem_comp.name
_chem_comp.formula
1R0 non-polymer 6-ethyl-5-{3-[3-(isoquinolin-5-yl)-5-methoxyphenyl]prop-1-yn-1-yl}pyrimidine-2,4-diamine 'C25 H23 N5 O'
CL non-polymer 'CHLORIDE ION' 'Cl -1'
EOH non-polymer ETHANOL 'C2 H6 O'
FOL non-polymer 'FOLIC ACID' 'C19 H19 N7 O6'
MG non-polymer 'MAGNESIUM ION' 'Mg 2'
NDP non-polymer 'NADPH DIHYDRO-NICOTINAMIDE-ADENINE-DINUCLEOTIDE PHOSPHATE' 'C21 H30 N7 O17 P3'
#
# COMPACT_ATOMS: atom_id res chain seq x y z
N VAL A 1 19.70 -21.33 21.50
CA VAL A 1 18.67 -21.30 20.47
C VAL A 1 19.16 -21.93 19.16
N GLY A 2 18.34 -22.81 18.60
CA GLY A 2 18.74 -23.62 17.46
C GLY A 2 18.33 -23.08 16.11
N SER A 3 17.54 -22.01 16.12
CA SER A 3 16.94 -21.51 14.88
C SER A 3 16.47 -20.09 15.15
N LEU A 4 16.60 -19.23 14.17
CA LEU A 4 16.11 -17.88 14.30
C LEU A 4 15.19 -17.66 13.14
N ASN A 5 14.25 -16.73 13.30
CA ASN A 5 13.33 -16.32 12.23
C ASN A 5 13.36 -14.81 12.09
N CYS A 6 13.36 -14.32 10.84
CA CYS A 6 13.15 -12.91 10.60
C CYS A 6 11.85 -12.74 9.88
N ILE A 7 11.16 -11.64 10.14
CA ILE A 7 9.94 -11.34 9.39
C ILE A 7 9.98 -9.86 9.04
N VAL A 8 9.58 -9.55 7.80
CA VAL A 8 9.69 -8.18 7.27
C VAL A 8 8.70 -8.05 6.10
N ALA A 9 8.24 -6.83 5.80
CA ALA A 9 7.46 -6.53 4.58
C ALA A 9 8.24 -5.46 3.88
N VAL A 10 8.40 -5.63 2.58
N VAL A 10 8.40 -5.61 2.58
CA VAL A 10 9.35 -4.83 1.81
CA VAL A 10 9.32 -4.72 1.87
C VAL A 10 8.74 -4.37 0.49
C VAL A 10 8.79 -4.37 0.49
N SER A 11 8.88 -3.09 0.17
CA SER A 11 8.41 -2.58 -1.13
C SER A 11 9.36 -2.93 -2.27
N GLN A 12 8.93 -2.68 -3.52
CA GLN A 12 9.73 -3.05 -4.67
C GLN A 12 11.10 -2.39 -4.67
N ASN A 13 11.11 -1.20 -4.11
CA ASN A 13 12.35 -0.41 -4.01
C ASN A 13 13.13 -0.65 -2.72
N MET A 14 12.85 -1.79 -2.09
CA MET A 14 13.53 -2.23 -0.85
C MET A 14 13.20 -1.45 0.41
N GLY A 15 12.11 -0.71 0.37
CA GLY A 15 11.72 0.08 1.50
C GLY A 15 11.01 -0.69 2.59
N ILE A 16 11.34 -0.38 3.85
CA ILE A 16 10.58 -0.89 4.99
C ILE A 16 10.01 0.19 5.88
N GLY A 17 10.55 1.39 5.79
CA GLY A 17 10.08 2.44 6.67
C GLY A 17 10.17 3.81 6.03
N LYS A 18 9.36 4.70 6.57
CA LYS A 18 9.31 6.10 6.16
C LYS A 18 8.77 6.87 7.35
N ASN A 19 9.56 7.82 7.84
CA ASN A 19 9.13 8.68 8.96
C ASN A 19 8.65 7.99 10.24
N GLY A 20 9.33 6.93 10.65
CA GLY A 20 8.98 6.22 11.89
C GLY A 20 7.71 5.40 11.83
N ASP A 21 7.28 5.11 10.60
CA ASP A 21 6.12 4.26 10.35
C ASP A 21 6.41 3.48 9.06
N LEU A 22 5.40 2.74 8.59
CA LEU A 22 5.52 1.98 7.34
C LEU A 22 5.35 2.89 6.13
N PRO A 23 5.96 2.53 4.99
CA PRO A 23 5.81 3.38 3.80
C PRO A 23 4.42 3.32 3.14
N TRP A 24 3.66 2.25 3.43
CA TRP A 24 2.36 2.02 2.79
C TRP A 24 1.23 2.15 3.78
N PRO A 25 0.00 2.36 3.28
CA PRO A 25 -1.17 2.34 4.15
C PRO A 25 -1.33 0.99 4.83
N PRO A 26 -2.06 0.93 5.93
CA PRO A 26 -2.24 -0.30 6.71
C PRO A 26 -2.84 -1.43 5.87
N LEU A 27 -2.19 -2.58 5.88
CA LEU A 27 -2.72 -3.76 5.19
C LEU A 27 -3.14 -4.77 6.24
N ARG A 28 -4.44 -4.85 6.49
CA ARG A 28 -4.97 -5.57 7.64
C ARG A 28 -4.54 -7.04 7.71
N ASN A 29 -4.70 -7.75 6.59
CA ASN A 29 -4.37 -9.18 6.60
C ASN A 29 -2.88 -9.43 6.65
N GLU A 30 -2.09 -8.52 6.09
CA GLU A 30 -0.63 -8.66 6.14
C GLU A 30 -0.21 -8.52 7.61
N PHE A 31 -0.85 -7.60 8.32
CA PHE A 31 -0.54 -7.43 9.74
CA PHE A 31 -0.58 -7.39 9.76
C PHE A 31 -0.93 -8.67 10.51
N ARG A 32 -2.09 -9.24 10.20
N ARG A 32 -2.08 -9.23 10.17
CA ARG A 32 -2.54 -10.45 10.89
CA ARG A 32 -2.60 -10.42 10.80
C ARG A 32 -1.60 -11.61 10.63
C ARG A 32 -1.63 -11.60 10.60
N TYR A 33 -0.99 -11.63 9.45
CA TYR A 33 0.04 -12.63 9.15
C TYR A 33 1.25 -12.43 10.07
N PHE A 34 1.71 -11.19 10.20
CA PHE A 34 2.81 -10.89 11.10
C PHE A 34 2.46 -11.37 12.52
N GLN A 35 1.26 -11.03 12.96
CA GLN A 35 0.80 -11.42 14.29
CA GLN A 35 0.79 -11.42 14.30
C GLN A 35 0.77 -12.94 14.44
N ARG A 36 0.17 -13.61 13.45
CA ARG A 36 0.09 -15.10 13.51
C ARG A 36 1.47 -15.75 13.57
N MET A 37 2.35 -15.32 12.68
CA MET A 37 3.68 -15.91 12.63
CA MET A 37 3.70 -15.88 12.62
C MET A 37 4.49 -15.68 13.91
N THR A 38 4.46 -14.46 14.43
CA THR A 38 5.28 -14.13 15.59
C THR A 38 4.69 -14.64 16.90
N THR A 39 3.38 -14.82 16.96
CA THR A 39 2.70 -15.20 18.21
CA THR A 39 2.74 -15.19 18.22
C THR A 39 2.60 -16.72 18.38
N THR A 40 2.49 -17.44 17.28
CA THR A 40 2.18 -18.87 17.39
C THR A 40 3.34 -19.72 17.94
N SER A 41 3.12 -20.24 19.13
CA SER A 41 4.09 -21.08 19.80
C SER A 41 3.68 -22.53 19.60
N SER A 42 4.67 -23.42 19.44
CA SER A 42 4.33 -24.82 19.25
C SER A 42 4.25 -25.55 20.59
N VAL A 43 4.69 -24.89 21.65
CA VAL A 43 4.78 -25.51 22.97
C VAL A 43 3.86 -24.87 24.02
N GLU A 44 2.97 -25.66 24.63
CA GLU A 44 2.17 -25.17 25.75
C GLU A 44 3.13 -24.63 26.80
N GLY A 45 2.79 -23.48 27.37
CA GLY A 45 3.56 -22.93 28.48
C GLY A 45 4.70 -22.04 28.05
N LYS A 46 4.87 -21.91 26.74
CA LYS A 46 5.95 -21.10 26.24
C LYS A 46 5.38 -20.06 25.30
N GLN A 47 6.08 -18.94 25.22
CA GLN A 47 5.71 -17.89 24.26
C GLN A 47 6.88 -17.69 23.34
N ASN A 48 6.64 -17.14 22.16
CA ASN A 48 7.77 -16.69 21.35
C ASN A 48 8.34 -15.38 21.84
N LEU A 49 9.60 -15.16 21.48
CA LEU A 49 10.33 -13.94 21.81
C LEU A 49 10.46 -13.11 20.58
N VAL A 50 10.12 -11.83 20.67
CA VAL A 50 10.39 -10.88 19.57
C VAL A 50 11.51 -9.95 19.93
N ILE A 51 12.46 -9.81 19.01
CA ILE A 51 13.62 -8.95 19.19
C ILE A 51 13.54 -7.82 18.19
N MET A 52 13.73 -6.58 18.65
CA MET A 52 13.62 -5.43 17.76
C MET A 52 14.51 -4.29 18.18
N GLY A 53 14.90 -3.44 17.24
CA GLY A 53 15.65 -2.23 17.53
C GLY A 53 14.80 -1.18 18.20
N LYS A 54 15.42 -0.11 18.70
CA LYS A 54 14.69 0.84 19.54
C LYS A 54 13.62 1.65 18.79
N LYS A 55 13.97 2.08 17.59
CA LYS A 55 13.03 2.86 16.79
C LYS A 55 11.86 2.03 16.32
N THR A 56 12.10 0.75 16.05
CA THR A 56 11.00 -0.14 15.76
C THR A 56 10.06 -0.22 16.95
N TRP A 57 10.63 -0.32 18.15
CA TRP A 57 9.79 -0.35 19.35
C TRP A 57 8.87 0.87 19.38
N PHE A 58 9.44 2.04 19.17
CA PHE A 58 8.66 3.26 19.25
C PHE A 58 7.73 3.47 18.07
N SER A 59 7.99 2.75 16.97
CA SER A 59 7.10 2.78 15.82
C SER A 59 5.84 1.95 16.03
N ILE A 60 5.84 1.07 17.03
CA ILE A 60 4.65 0.34 17.38
C ILE A 60 3.73 1.27 18.15
N PRO A 61 2.47 1.36 17.73
CA PRO A 61 1.44 2.15 18.40
C PRO A 61 1.37 1.80 19.88
N GLU A 62 1.56 2.78 20.75
CA GLU A 62 1.64 2.56 22.20
C GLU A 62 0.59 1.65 22.83
N LYS A 63 -0.66 1.80 22.41
CA LYS A 63 -1.75 0.98 22.94
C LYS A 63 -1.47 -0.50 22.72
N ASN A 64 -0.57 -0.78 21.79
CA ASN A 64 -0.25 -2.15 21.42
C ASN A 64 1.10 -2.69 21.93
N ARG A 65 1.79 -1.89 22.75
CA ARG A 65 3.05 -2.28 23.35
C ARG A 65 2.83 -2.69 24.80
N PRO A 66 3.49 -3.76 25.25
CA PRO A 66 4.30 -4.66 24.40
C PRO A 66 3.40 -5.52 23.50
N LEU A 67 3.96 -6.08 22.41
CA LEU A 67 3.15 -6.98 21.56
C LEU A 67 2.60 -8.12 22.39
N LYS A 68 1.28 -8.23 22.45
CA LYS A 68 0.61 -9.20 23.31
C LYS A 68 0.91 -10.66 22.93
N GLY A 69 0.96 -11.54 23.92
CA GLY A 69 1.17 -12.96 23.66
C GLY A 69 2.61 -13.30 23.33
N ARG A 70 3.49 -12.31 23.34
CA ARG A 70 4.91 -12.54 23.03
C ARG A 70 5.80 -11.86 24.02
N ILE A 71 6.99 -12.40 24.24
CA ILE A 71 8.00 -11.75 25.07
C ILE A 71 8.74 -10.73 24.21
N ASN A 72 8.68 -9.44 24.62
CA ASN A 72 9.23 -8.34 23.85
C ASN A 72 10.61 -7.96 24.33
N LEU A 73 11.62 -8.06 23.46
CA LEU A 73 12.96 -7.64 23.79
C LEU A 73 13.47 -6.54 22.89
N VAL A 74 14.01 -5.48 23.49
CA VAL A 74 14.53 -4.36 22.69
C VAL A 74 16.06 -4.30 22.71
N LEU A 75 16.64 -3.99 21.54
CA LEU A 75 18.07 -3.81 21.40
C LEU A 75 18.46 -2.33 21.45
N SER A 76 19.42 -2.00 22.30
CA SER A 76 19.97 -0.64 22.35
C SER A 76 21.34 -0.64 22.99
N ARG A 77 22.24 0.16 22.44
CA ARG A 77 23.58 0.35 23.01
C ARG A 77 23.61 1.55 23.94
N GLU A 78 22.49 2.27 24.04
CA GLU A 78 22.41 3.49 24.84
C GLU A 78 21.51 3.41 26.04
N LEU A 79 20.40 2.69 25.94
CA LEU A 79 19.46 2.59 27.06
C LEU A 79 20.08 1.82 28.22
N LYS A 80 19.67 2.12 29.45
CA LYS A 80 20.22 1.42 30.60
C LYS A 80 19.24 0.36 31.09
N GLU A 81 18.00 0.46 30.63
CA GLU A 81 16.98 -0.53 30.96
C GLU A 81 15.88 -0.52 29.89
N PRO A 82 15.03 -1.55 29.88
CA PRO A 82 14.02 -1.63 28.81
C PRO A 82 13.08 -0.44 28.79
N PRO A 83 12.68 -0.03 27.58
CA PRO A 83 11.61 0.98 27.45
C PRO A 83 10.36 0.53 28.19
N GLN A 84 9.65 1.48 28.79
CA GLN A 84 8.44 1.18 29.55
C GLN A 84 7.50 0.28 28.73
N GLY A 85 7.22 -0.92 29.25
CA GLY A 85 6.34 -1.86 28.59
C GLY A 85 7.10 -3.04 28.01
N ALA A 86 8.35 -2.82 27.63
CA ALA A 86 9.19 -3.88 27.07
C ALA A 86 9.63 -4.82 28.19
N HIS A 87 9.82 -6.09 27.87
CA HIS A 87 10.15 -7.05 28.92
C HIS A 87 11.65 -7.16 29.21
N PHE A 88 12.47 -7.00 28.17
CA PHE A 88 13.92 -7.16 28.30
C PHE A 88 14.67 -6.19 27.44
N LEU A 89 15.92 -5.93 27.81
CA LEU A 89 16.78 -5.05 27.03
C LEU A 89 18.14 -5.68 26.84
N SER A 90 18.65 -5.68 25.60
CA SER A 90 20.00 -6.18 25.36
C SER A 90 20.80 -5.20 24.54
N ARG A 91 22.12 -5.29 24.69
CA ARG A 91 23.00 -4.36 24.02
C ARG A 91 23.45 -4.91 22.67
N SER A 92 23.09 -6.16 22.39
CA SER A 92 23.50 -6.84 21.15
C SER A 92 22.62 -8.05 20.87
N LEU A 93 22.62 -8.55 19.63
CA LEU A 93 21.87 -9.76 19.28
C LEU A 93 22.38 -10.95 20.08
N ASP A 94 23.71 -11.05 20.15
CA ASP A 94 24.40 -12.09 20.90
CA ASP A 94 24.37 -12.11 20.90
C ASP A 94 23.88 -12.16 22.33
N ASP A 95 23.87 -11.00 22.99
CA ASP A 95 23.45 -10.89 24.36
C ASP A 95 21.99 -11.33 24.50
N ALA A 96 21.16 -10.97 23.52
CA ALA A 96 19.75 -11.33 23.52
C ALA A 96 19.52 -12.83 23.48
N LEU A 97 20.23 -13.53 22.60
CA LEU A 97 20.06 -14.98 22.48
C LEU A 97 20.56 -15.71 23.73
N LYS A 98 21.63 -15.18 24.32
CA LYS A 98 22.21 -15.77 25.55
C LYS A 98 21.23 -15.65 26.71
N LEU A 99 20.43 -14.59 26.71
CA LEU A 99 19.44 -14.37 27.77
C LEU A 99 18.40 -15.47 27.85
N THR A 100 18.09 -16.07 26.71
CA THR A 100 17.09 -17.11 26.66
C THR A 100 17.56 -18.36 27.41
N GLU A 101 18.88 -18.51 27.53
CA GLU A 101 19.45 -19.61 28.29
C GLU A 101 19.48 -19.39 29.81
N GLN A 102 19.48 -18.12 30.20
CA GLN A 102 19.55 -17.74 31.61
C GLN A 102 18.29 -18.12 32.41
N PRO A 103 18.40 -18.16 33.76
CA PRO A 103 17.35 -18.78 34.57
C PRO A 103 15.95 -18.17 34.44
N GLU A 104 15.87 -16.88 34.16
CA GLU A 104 14.57 -16.22 34.03
CA GLU A 104 14.57 -16.24 34.05
C GLU A 104 13.79 -16.68 32.79
N LEU A 105 14.47 -16.77 31.65
CA LEU A 105 13.80 -17.21 30.42
C LEU A 105 13.89 -18.72 30.18
N ALA A 106 14.75 -19.39 30.93
CA ALA A 106 14.89 -20.84 30.84
C ALA A 106 13.50 -21.45 30.81
N ASN A 107 13.20 -22.15 29.71
CA ASN A 107 11.91 -22.84 29.53
C ASN A 107 10.68 -21.95 29.43
N LYS A 108 10.86 -20.71 28.99
CA LYS A 108 9.70 -19.84 28.78
C LYS A 108 9.54 -19.45 27.31
N VAL A 109 10.63 -19.58 26.56
CA VAL A 109 10.67 -19.17 25.15
C VAL A 109 10.56 -20.33 24.16
N ASP A 110 9.67 -20.23 23.16
CA ASP A 110 9.67 -21.21 22.06
C ASP A 110 10.53 -20.72 20.89
N MET A 111 9.90 -20.01 19.96
CA MET A 111 10.64 -19.51 18.79
CA MET A 111 10.63 -19.51 18.79
C MET A 111 11.12 -18.08 19.00
N VAL A 112 12.19 -17.70 18.31
CA VAL A 112 12.72 -16.34 18.36
C VAL A 112 12.50 -15.65 17.00
N TRP A 113 11.89 -14.47 17.02
CA TRP A 113 11.53 -13.73 15.80
C TRP A 113 12.19 -12.38 15.82
N ILE A 114 13.01 -12.10 14.79
CA ILE A 114 13.63 -10.79 14.62
C ILE A 114 12.67 -9.94 13.80
N VAL A 115 12.29 -8.77 14.33
CA VAL A 115 11.23 -7.95 13.68
C VAL A 115 11.70 -6.54 13.29
N GLY A 116 12.99 -6.37 13.08
CA GLY A 116 13.60 -5.14 12.57
C GLY A 116 14.19 -4.24 13.63
N GLY A 117 14.82 -3.14 13.22
CA GLY A 117 14.88 -2.72 11.84
C GLY A 117 16.08 -3.13 11.04
N SER A 118 16.55 -2.25 10.15
CA SER A 118 17.57 -2.63 9.19
C SER A 118 18.78 -3.30 9.79
N SER A 119 19.37 -2.70 10.83
CA SER A 119 20.60 -3.25 11.35
C SER A 119 20.36 -4.55 12.06
N VAL A 120 19.18 -4.72 12.64
CA VAL A 120 18.89 -5.97 13.34
C VAL A 120 18.75 -7.09 12.31
N TYR A 121 18.03 -6.81 11.23
CA TYR A 121 17.91 -7.80 10.17
C TYR A 121 19.27 -8.14 9.58
N LYS A 122 20.11 -7.15 9.32
CA LYS A 122 21.41 -7.42 8.72
C LYS A 122 22.23 -8.39 9.58
N GLU A 123 22.27 -8.13 10.88
CA GLU A 123 23.03 -8.97 11.79
C GLU A 123 22.43 -10.37 11.90
N ALA A 124 21.10 -10.42 12.05
CA ALA A 124 20.44 -11.70 12.19
C ALA A 124 20.65 -12.55 10.96
N MET A 125 20.59 -11.94 9.78
CA MET A 125 20.67 -12.74 8.58
CA MET A 125 20.69 -12.72 8.54
C MET A 125 22.06 -13.36 8.38
N ASN A 126 23.07 -12.77 9.03
CA ASN A 126 24.44 -13.27 8.99
C ASN A 126 24.83 -14.19 10.18
N HIS A 127 23.90 -14.38 11.12
CA HIS A 127 24.09 -15.24 12.30
C HIS A 127 24.18 -16.72 11.86
N PRO A 128 25.08 -17.49 12.51
CA PRO A 128 25.30 -18.89 12.14
C PRO A 128 24.08 -19.76 12.34
N GLY A 129 23.96 -20.82 11.55
CA GLY A 129 22.98 -21.85 11.83
C GLY A 129 21.72 -21.69 11.01
N HIS A 130 20.65 -22.32 11.46
CA HIS A 130 19.41 -22.29 10.68
C HIS A 130 18.66 -20.96 10.84
N LEU A 131 18.19 -20.43 9.72
CA LEU A 131 17.44 -19.20 9.77
CA LEU A 131 17.49 -19.16 9.74
C LEU A 131 16.41 -19.20 8.67
N LYS A 132 15.20 -18.78 9.02
CA LYS A 132 14.16 -18.62 7.98
C LYS A 132 13.85 -17.13 7.93
N LEU A 133 13.68 -16.60 6.72
CA LEU A 133 13.32 -15.21 6.53
C LEU A 133 11.94 -15.18 5.90
N PHE A 134 10.97 -14.60 6.60
CA PHE A 134 9.62 -14.48 6.06
C PHE A 134 9.49 -13.08 5.49
N VAL A 135 9.44 -12.98 4.17
CA VAL A 135 9.55 -11.66 3.53
C VAL A 135 8.29 -11.40 2.72
N THR A 136 7.54 -10.37 3.08
CA THR A 136 6.38 -10.03 2.24
C THR A 136 6.87 -9.06 1.17
N ARG A 137 6.68 -9.45 -0.07
CA ARG A 137 7.08 -8.61 -1.21
C ARG A 137 5.91 -7.74 -1.61
N ILE A 138 5.94 -6.47 -1.23
CA ILE A 138 4.89 -5.52 -1.62
C ILE A 138 5.25 -5.10 -3.05
N MET A 139 4.39 -5.37 -4.02
CA MET A 139 4.77 -5.30 -5.42
CA MET A 139 4.81 -5.30 -5.41
C MET A 139 4.55 -3.91 -6.03
N GLN A 140 4.99 -2.89 -5.29
CA GLN A 140 4.82 -1.47 -5.66
C GLN A 140 5.99 -0.73 -5.07
N ASP A 141 6.45 0.34 -5.74
CA ASP A 141 7.46 1.21 -5.13
C ASP A 141 6.73 2.08 -4.12
N PHE A 142 7.35 2.35 -2.97
CA PHE A 142 6.84 3.33 -2.02
C PHE A 142 8.02 4.18 -1.52
N GLU A 143 7.77 5.46 -1.32
CA GLU A 143 8.79 6.38 -0.76
C GLU A 143 9.22 5.94 0.61
N SER A 144 10.52 5.66 0.74
CA SER A 144 11.04 5.17 2.00
C SER A 144 12.32 5.87 2.43
N ASP A 145 12.62 5.77 3.71
CA ASP A 145 13.87 6.29 4.30
C ASP A 145 14.61 5.22 5.11
N THR A 146 14.09 3.99 5.09
CA THR A 146 14.66 2.85 5.79
C THR A 146 14.53 1.64 4.88
N PHE A 147 15.57 0.84 4.72
CA PHE A 147 15.60 -0.16 3.67
C PHE A 147 16.00 -1.56 4.14
N PHE A 148 15.61 -2.59 3.39
CA PHE A 148 15.94 -3.96 3.75
C PHE A 148 17.21 -4.43 3.04
N PRO A 149 18.21 -4.92 3.80
CA PRO A 149 19.44 -5.44 3.22
C PRO A 149 19.13 -6.56 2.23
N GLU A 150 19.69 -6.49 1.03
CA GLU A 150 19.39 -7.47 -0.02
C GLU A 150 19.74 -8.89 0.43
N ILE A 151 19.03 -9.89 -0.07
CA ILE A 151 19.24 -11.26 0.42
C ILE A 151 20.28 -11.96 -0.44
N ASP A 152 21.31 -12.44 0.20
CA ASP A 152 22.39 -13.11 -0.50
C ASP A 152 22.00 -14.56 -0.82
N LEU A 153 21.76 -14.83 -2.10
CA LEU A 153 21.33 -16.16 -2.53
C LEU A 153 22.44 -17.21 -2.53
N GLU A 154 23.66 -16.78 -2.19
CA GLU A 154 24.74 -17.73 -1.93
C GLU A 154 24.45 -18.47 -0.65
N LYS A 155 23.79 -17.78 0.28
CA LYS A 155 23.44 -18.40 1.56
C LYS A 155 21.98 -18.84 1.66
N TYR A 156 21.07 -18.02 1.13
CA TYR A 156 19.65 -18.31 1.29
C TYR A 156 19.05 -18.89 0.03
N LYS A 157 18.12 -19.80 0.22
CA LYS A 157 17.31 -20.30 -0.89
CA LYS A 157 17.33 -20.24 -0.91
C LYS A 157 15.86 -19.86 -0.72
N LEU A 158 15.25 -19.42 -1.81
CA LEU A 158 13.84 -19.10 -1.79
C LEU A 158 13.09 -20.40 -1.86
N LEU A 159 12.25 -20.68 -0.87
CA LEU A 159 11.50 -21.93 -0.88
C LEU A 159 10.30 -21.75 -1.81
N PRO A 160 10.00 -22.77 -2.62
CA PRO A 160 8.97 -22.62 -3.65
C PRO A 160 7.59 -22.44 -3.05
N GLU A 161 7.30 -23.18 -2.00
CA GLU A 161 6.06 -23.04 -1.27
C GLU A 161 6.47 -23.29 0.12
N TYR A 162 5.52 -23.20 1.02
CA TYR A 162 5.86 -23.50 2.37
C TYR A 162 4.61 -23.73 3.18
N PRO A 163 4.60 -24.79 4.02
CA PRO A 163 3.37 -25.05 4.79
C PRO A 163 3.03 -23.88 5.68
N GLY A 164 1.76 -23.50 5.70
CA GLY A 164 1.26 -22.47 6.57
C GLY A 164 1.35 -21.08 5.94
N VAL A 165 1.89 -21.02 4.73
CA VAL A 165 2.10 -19.75 4.02
C VAL A 165 1.41 -19.78 2.63
N LEU A 166 0.54 -18.80 2.37
CA LEU A 166 -0.13 -18.75 1.07
C LEU A 166 0.87 -18.44 -0.03
N SER A 167 0.71 -19.08 -1.18
CA SER A 167 1.65 -18.90 -2.31
C SER A 167 1.21 -17.85 -3.33
N ASP A 168 -0.10 -17.64 -3.44
CA ASP A 168 -0.62 -16.81 -4.52
C ASP A 168 -0.49 -15.33 -4.17
N VAL A 169 -0.49 -14.48 -5.18
CA VAL A 169 -0.45 -13.05 -4.94
C VAL A 169 -1.69 -12.64 -4.19
N GLN A 170 -1.49 -11.80 -3.17
CA GLN A 170 -2.53 -11.26 -2.32
C GLN A 170 -2.79 -9.82 -2.74
N GLU A 171 -3.96 -9.31 -2.39
CA GLU A 171 -4.27 -7.91 -2.68
C GLU A 171 -5.14 -7.33 -1.62
N GLU A 172 -4.71 -6.20 -1.06
CA GLU A 172 -5.51 -5.46 -0.10
C GLU A 172 -5.39 -4.00 -0.44
N LYS A 173 -6.51 -3.29 -0.43
CA LYS A 173 -6.51 -1.86 -0.76
C LYS A 173 -5.82 -1.55 -2.09
N GLY A 174 -6.01 -2.42 -3.07
CA GLY A 174 -5.37 -2.29 -4.36
C GLY A 174 -3.86 -2.48 -4.38
N ILE A 175 -3.28 -2.93 -3.26
CA ILE A 175 -1.85 -3.15 -3.22
C ILE A 175 -1.58 -4.66 -3.30
N LYS A 176 -0.85 -5.08 -4.30
CA LYS A 176 -0.56 -6.51 -4.48
C LYS A 176 0.71 -6.88 -3.72
N TYR A 177 0.69 -8.05 -3.09
CA TYR A 177 1.88 -8.53 -2.40
C TYR A 177 1.91 -10.03 -2.36
N LYS A 178 3.09 -10.57 -2.08
CA LYS A 178 3.25 -12.03 -2.05
C LYS A 178 4.11 -12.37 -0.84
N PHE A 179 3.74 -13.45 -0.15
CA PHE A 179 4.56 -13.91 0.97
C PHE A 179 5.63 -14.87 0.49
N GLU A 180 6.89 -14.60 0.84
CA GLU A 180 7.99 -15.47 0.49
C GLU A 180 8.65 -16.03 1.74
N VAL A 181 9.23 -17.20 1.61
CA VAL A 181 10.05 -17.75 2.69
C VAL A 181 11.44 -18.12 2.14
N TYR A 182 12.49 -17.61 2.78
CA TYR A 182 13.87 -17.99 2.46
C TYR A 182 14.48 -18.76 3.61
N GLU A 183 15.47 -19.57 3.32
CA GLU A 183 16.03 -20.43 4.37
C GLU A 183 17.52 -20.62 4.15
N LYS A 184 18.33 -20.56 5.23
CA LYS A 184 19.71 -21.04 5.18
C LYS A 184 19.85 -22.06 6.31
N ASN A 185 20.82 -22.97 6.19
CA ASN A 185 20.85 -24.08 7.15
C ASN A 185 22.04 -24.08 8.10
N ASP A 186 23.11 -23.42 7.70
CA ASP A 186 24.28 -23.38 8.56
C ASP A 186 24.95 -22.01 8.53
N VAL B 1 -10.84 -7.25 -11.62
CA VAL B 1 -10.26 -6.02 -11.08
C VAL B 1 -10.57 -5.94 -9.58
N GLY B 2 -9.54 -5.78 -8.76
CA GLY B 2 -9.70 -5.88 -7.32
C GLY B 2 -9.89 -4.53 -6.65
N SER B 3 -9.72 -3.47 -7.43
CA SER B 3 -9.75 -2.13 -6.85
C SER B 3 -9.99 -1.12 -7.96
N LEU B 4 -10.72 -0.06 -7.64
CA LEU B 4 -10.89 1.01 -8.61
C LEU B 4 -10.48 2.28 -7.94
N ASN B 5 -10.03 3.24 -8.74
CA ASN B 5 -9.73 4.56 -8.26
C ASN B 5 -10.57 5.55 -9.06
N CYS B 6 -11.14 6.54 -8.37
CA CYS B 6 -11.75 7.68 -9.08
C CYS B 6 -10.93 8.90 -8.74
N ILE B 7 -10.87 9.83 -9.68
CA ILE B 7 -10.19 11.07 -9.42
C ILE B 7 -11.03 12.20 -10.03
N VAL B 8 -11.11 13.30 -9.30
CA VAL B 8 -12.01 14.41 -9.67
C VAL B 8 -11.56 15.65 -8.94
N ALA B 9 -11.87 16.81 -9.53
CA ALA B 9 -11.71 18.08 -8.83
C ALA B 9 -13.11 18.73 -8.80
N VAL B 10 -13.47 19.28 -7.64
N VAL B 10 -13.46 19.32 -7.66
CA VAL B 10 -14.85 19.71 -7.38
CA VAL B 10 -14.84 19.73 -7.43
C VAL B 10 -14.90 21.07 -6.68
C VAL B 10 -14.92 21.05 -6.67
N SER B 11 -15.74 21.97 -7.17
CA SER B 11 -15.90 23.25 -6.50
C SER B 11 -16.79 23.13 -5.24
N GLN B 12 -16.87 24.22 -4.49
CA GLN B 12 -17.62 24.23 -3.23
C GLN B 12 -19.08 23.93 -3.46
N ASN B 13 -19.57 24.29 -4.62
CA ASN B 13 -20.95 24.07 -5.02
C ASN B 13 -21.17 22.75 -5.76
N MET B 14 -20.19 21.86 -5.60
CA MET B 14 -20.21 20.53 -6.19
C MET B 14 -20.03 20.52 -7.70
N GLY B 15 -19.56 21.61 -8.31
CA GLY B 15 -19.42 21.63 -9.74
C GLY B 15 -18.15 20.96 -10.24
N ILE B 16 -18.25 20.27 -11.38
CA ILE B 16 -17.08 19.71 -12.06
C ILE B 16 -16.95 20.18 -13.47
N GLY B 17 -18.03 20.69 -14.06
CA GLY B 17 -17.93 21.09 -15.45
C GLY B 17 -18.82 22.26 -15.78
N LYS B 18 -18.44 22.95 -16.86
CA LYS B 18 -19.24 24.04 -17.42
C LYS B 18 -18.94 24.15 -18.91
N ASN B 19 -19.96 24.00 -19.75
CA ASN B 19 -19.84 24.19 -21.20
CA ASN B 19 -19.80 24.24 -21.19
C ASN B 19 -18.76 23.32 -21.84
N GLY B 20 -18.66 22.08 -21.35
CA GLY B 20 -17.74 21.10 -21.90
C GLY B 20 -16.27 21.34 -21.53
N ASP B 21 -16.04 22.12 -20.49
CA ASP B 21 -14.70 22.37 -19.97
C ASP B 21 -14.82 22.49 -18.47
N LEU B 22 -13.74 22.86 -17.80
CA LEU B 22 -13.78 22.98 -16.32
C LEU B 22 -14.41 24.31 -15.89
N PRO B 23 -15.01 24.35 -14.70
CA PRO B 23 -15.63 25.63 -14.30
C PRO B 23 -14.63 26.73 -13.93
N TRP B 24 -13.41 26.35 -13.58
CA TRP B 24 -12.39 27.29 -13.10
C TRP B 24 -11.29 27.40 -14.13
N PRO B 25 -10.48 28.47 -14.04
CA PRO B 25 -9.29 28.59 -14.89
C PRO B 25 -8.29 27.46 -14.63
N PRO B 26 -7.40 27.20 -15.61
CA PRO B 26 -6.47 26.07 -15.48
C PRO B 26 -5.54 26.18 -14.27
N LEU B 27 -5.48 25.11 -13.46
CA LEU B 27 -4.60 25.07 -12.30
C LEU B 27 -3.49 24.07 -12.65
N ARG B 28 -2.31 24.59 -12.98
N ARG B 28 -2.30 24.59 -12.93
CA ARG B 28 -1.25 23.77 -13.56
CA ARG B 28 -1.26 23.79 -13.56
C ARG B 28 -0.79 22.62 -12.67
C ARG B 28 -0.74 22.63 -12.69
N ASN B 29 -0.54 22.88 -11.40
CA ASN B 29 -0.07 21.82 -10.51
C ASN B 29 -1.18 20.83 -10.21
N GLU B 30 -2.43 21.30 -10.20
CA GLU B 30 -3.58 20.40 -9.99
C GLU B 30 -3.68 19.43 -11.15
N PHE B 31 -3.50 19.91 -12.38
CA PHE B 31 -3.46 19.07 -13.58
C PHE B 31 -2.30 18.05 -13.49
N ARG B 32 -1.14 18.51 -13.03
CA ARG B 32 0.05 17.64 -12.90
C ARG B 32 -0.18 16.56 -11.89
N TYR B 33 -0.96 16.88 -10.83
CA TYR B 33 -1.37 15.86 -9.86
C TYR B 33 -2.28 14.82 -10.51
N PHE B 34 -3.27 15.26 -11.29
CA PHE B 34 -4.09 14.30 -12.06
C PHE B 34 -3.22 13.41 -12.95
N GLN B 35 -2.26 14.03 -13.62
CA GLN B 35 -1.36 13.33 -14.53
C GLN B 35 -0.52 12.32 -13.75
N ARG B 36 0.08 12.76 -12.65
CA ARG B 36 0.94 11.89 -11.83
C ARG B 36 0.16 10.72 -11.29
N MET B 37 -1.03 10.97 -10.75
CA MET B 37 -1.77 9.88 -10.16
CA MET B 37 -1.82 9.90 -10.16
C MET B 37 -2.28 8.89 -11.19
N THR B 38 -2.78 9.40 -12.32
CA THR B 38 -3.34 8.47 -13.29
C THR B 38 -2.25 7.77 -14.10
N THR B 39 -1.07 8.39 -14.23
CA THR B 39 0.00 7.81 -15.08
C THR B 39 0.92 6.86 -14.31
N THR B 40 1.19 7.22 -13.07
CA THR B 40 2.30 6.58 -12.35
C THR B 40 2.09 5.09 -12.08
N SER B 41 3.03 4.28 -12.60
CA SER B 41 2.97 2.83 -12.38
C SER B 41 4.39 2.29 -12.24
N SER B 42 4.65 1.59 -11.14
CA SER B 42 5.98 1.06 -10.81
C SER B 42 6.15 -0.38 -11.32
N VAL B 43 5.09 -0.91 -11.89
CA VAL B 43 5.05 -2.29 -12.36
C VAL B 43 5.50 -2.36 -13.82
N GLU B 44 6.70 -2.89 -14.00
CA GLU B 44 7.29 -2.96 -15.33
C GLU B 44 6.42 -3.76 -16.27
N GLY B 45 6.26 -3.24 -17.48
CA GLY B 45 5.56 -3.95 -18.52
C GLY B 45 4.09 -3.64 -18.51
N LYS B 46 3.63 -2.84 -17.56
CA LYS B 46 2.21 -2.54 -17.46
C LYS B 46 1.94 -1.02 -17.46
N GLN B 47 0.75 -0.63 -17.90
CA GLN B 47 0.30 0.76 -17.82
C GLN B 47 -1.02 0.84 -17.06
N ASN B 48 -1.32 2.01 -16.51
CA ASN B 48 -2.65 2.20 -15.97
C ASN B 48 -3.67 2.42 -17.07
N LEU B 49 -4.92 2.10 -16.76
CA LEU B 49 -6.06 2.35 -17.64
C LEU B 49 -6.89 3.49 -17.12
N VAL B 50 -7.19 4.46 -17.97
CA VAL B 50 -8.17 5.49 -17.64
C VAL B 50 -9.46 5.22 -18.38
N ILE B 51 -10.57 5.29 -17.66
CA ILE B 51 -11.89 5.07 -18.20
C ILE B 51 -12.70 6.37 -18.08
N MET B 52 -13.33 6.79 -19.17
CA MET B 52 -14.05 8.04 -19.13
C MET B 52 -15.27 8.01 -20.06
N GLY B 53 -16.26 8.84 -19.75
CA GLY B 53 -17.40 9.05 -20.64
C GLY B 53 -17.02 9.83 -21.88
N LYS B 54 -17.92 9.88 -22.88
CA LYS B 54 -17.55 10.44 -24.18
C LYS B 54 -17.32 11.96 -24.16
N LYS B 55 -18.16 12.67 -23.42
CA LYS B 55 -18.02 14.12 -23.32
C LYS B 55 -16.69 14.46 -22.65
N THR B 56 -16.31 13.68 -21.65
CA THR B 56 -15.00 13.88 -21.04
C THR B 56 -13.86 13.70 -22.03
N TRP B 57 -13.94 12.66 -22.87
CA TRP B 57 -12.92 12.46 -23.89
C TRP B 57 -12.79 13.71 -24.75
N PHE B 58 -13.89 14.22 -25.25
CA PHE B 58 -13.81 15.37 -26.16
C PHE B 58 -13.46 16.68 -25.45
N SER B 59 -13.57 16.68 -24.11
CA SER B 59 -13.16 17.85 -23.33
C SER B 59 -11.65 17.92 -23.17
N ILE B 60 -10.95 16.83 -23.46
CA ILE B 60 -9.50 16.82 -23.46
C ILE B 60 -9.00 17.48 -24.76
N PRO B 61 -8.10 18.47 -24.65
CA PRO B 61 -7.50 19.13 -25.81
C PRO B 61 -6.96 18.08 -26.77
N GLU B 62 -7.38 18.14 -28.04
CA GLU B 62 -7.02 17.13 -29.04
C GLU B 62 -5.52 16.79 -29.06
N LYS B 63 -4.64 17.79 -28.94
CA LYS B 63 -3.19 17.55 -28.91
C LYS B 63 -2.80 16.65 -27.73
N ASN B 64 -3.66 16.57 -26.71
CA ASN B 64 -3.32 15.76 -25.55
C ASN B 64 -3.97 14.40 -25.55
N ARG B 65 -4.72 14.08 -26.62
CA ARG B 65 -5.37 12.77 -26.74
C ARG B 65 -4.59 11.82 -27.64
N PRO B 66 -4.50 10.54 -27.26
CA PRO B 66 -4.96 9.99 -25.97
C PRO B 66 -4.03 10.41 -24.85
N LEU B 67 -4.51 10.39 -23.60
CA LEU B 67 -3.64 10.70 -22.48
C LEU B 67 -2.41 9.81 -22.53
N LYS B 68 -1.24 10.43 -22.65
CA LYS B 68 -0.01 9.70 -22.88
C LYS B 68 0.33 8.80 -21.70
N GLY B 69 0.96 7.67 -21.98
CA GLY B 69 1.44 6.80 -20.91
C GLY B 69 0.37 6.00 -20.19
N ARG B 70 -0.88 6.15 -20.65
CA ARG B 70 -2.01 5.44 -20.09
C ARG B 70 -2.81 4.80 -21.21
N ILE B 71 -3.48 3.70 -20.90
CA ILE B 71 -4.40 3.10 -21.84
C ILE B 71 -5.72 3.83 -21.74
N ASN B 72 -6.16 4.43 -22.86
CA ASN B 72 -7.37 5.24 -22.89
C ASN B 72 -8.58 4.47 -23.37
N LEU B 73 -9.57 4.37 -22.48
CA LEU B 73 -10.84 3.68 -22.77
C LEU B 73 -12.03 4.60 -22.61
N VAL B 74 -12.85 4.70 -23.67
CA VAL B 74 -14.01 5.57 -23.60
C VAL B 74 -15.29 4.78 -23.56
N LEU B 75 -16.24 5.26 -22.77
CA LEU B 75 -17.56 4.66 -22.67
C LEU B 75 -18.50 5.36 -23.62
N SER B 76 -19.22 4.57 -24.43
CA SER B 76 -20.26 5.12 -25.31
C SER B 76 -21.19 3.99 -25.65
N ARG B 77 -22.48 4.29 -25.67
CA ARG B 77 -23.46 3.30 -26.08
C ARG B 77 -23.73 3.41 -27.56
N GLU B 78 -23.22 4.46 -28.18
CA GLU B 78 -23.62 4.79 -29.52
C GLU B 78 -22.50 4.59 -30.53
N LEU B 79 -21.26 4.84 -30.15
CA LEU B 79 -20.16 4.67 -31.07
C LEU B 79 -19.91 3.20 -31.44
N LYS B 80 -19.39 2.96 -32.63
CA LYS B 80 -19.11 1.59 -33.05
C LYS B 80 -17.63 1.29 -32.94
N GLU B 81 -16.84 2.32 -32.73
CA GLU B 81 -15.45 2.10 -32.45
C GLU B 81 -14.89 3.27 -31.64
N PRO B 82 -13.68 3.10 -31.09
CA PRO B 82 -13.18 4.18 -30.24
C PRO B 82 -13.05 5.48 -31.04
N PRO B 83 -13.32 6.62 -30.39
CA PRO B 83 -13.02 7.91 -31.00
C PRO B 83 -11.55 7.97 -31.45
N GLN B 84 -11.26 8.68 -32.54
CA GLN B 84 -9.90 8.76 -33.06
C GLN B 84 -8.89 9.06 -31.96
N GLY B 85 -7.93 8.16 -31.77
CA GLY B 85 -6.91 8.39 -30.78
C GLY B 85 -7.08 7.51 -29.56
N ALA B 86 -8.31 7.10 -29.28
CA ALA B 86 -8.58 6.26 -28.12
C ALA B 86 -8.15 4.81 -28.37
N HIS B 87 -7.78 4.10 -27.32
CA HIS B 87 -7.30 2.74 -27.49
C HIS B 87 -8.44 1.73 -27.49
N PHE B 88 -9.45 1.99 -26.66
CA PHE B 88 -10.58 1.04 -26.47
C PHE B 88 -11.92 1.73 -26.23
N LEU B 89 -12.98 1.00 -26.55
CA LEU B 89 -14.36 1.45 -26.35
C LEU B 89 -15.20 0.35 -25.75
N SER B 90 -15.93 0.68 -24.69
CA SER B 90 -16.87 -0.23 -24.07
C SER B 90 -18.25 0.40 -23.88
N ARG B 91 -19.28 -0.44 -23.81
CA ARG B 91 -20.68 0.03 -23.77
C ARG B 91 -21.18 0.24 -22.37
N SER B 92 -20.38 -0.16 -21.40
CA SER B 92 -20.75 -0.03 -20.00
C SER B 92 -19.50 -0.17 -19.17
N LEU B 93 -19.57 0.25 -17.92
CA LEU B 93 -18.46 0.06 -16.99
C LEU B 93 -18.13 -1.41 -16.76
N ASP B 94 -19.15 -2.25 -16.55
CA ASP B 94 -18.91 -3.69 -16.40
CA ASP B 94 -18.91 -3.68 -16.41
C ASP B 94 -18.08 -4.20 -17.57
N ASP B 95 -18.50 -3.88 -18.79
CA ASP B 95 -17.77 -4.32 -19.97
C ASP B 95 -16.32 -3.84 -19.99
N ALA B 96 -16.09 -2.60 -19.57
CA ALA B 96 -14.75 -2.09 -19.55
C ALA B 96 -13.85 -2.92 -18.61
N LEU B 97 -14.34 -3.19 -17.41
CA LEU B 97 -13.55 -3.94 -16.43
C LEU B 97 -13.28 -5.40 -16.86
N LYS B 98 -14.25 -5.98 -17.56
CA LYS B 98 -14.13 -7.36 -18.04
C LYS B 98 -13.08 -7.42 -19.11
N LEU B 99 -13.02 -6.34 -19.89
CA LEU B 99 -12.14 -6.26 -21.02
C LEU B 99 -10.72 -6.40 -20.54
N THR B 100 -10.46 -5.97 -19.30
CA THR B 100 -9.14 -6.14 -18.70
C THR B 100 -8.83 -7.61 -18.35
N GLU B 101 -9.86 -8.40 -18.05
CA GLU B 101 -9.66 -9.83 -17.88
C GLU B 101 -9.54 -10.58 -19.21
N GLN B 102 -9.70 -9.88 -20.32
CA GLN B 102 -9.50 -10.48 -21.64
C GLN B 102 -8.04 -10.46 -22.04
N PRO B 103 -7.63 -11.31 -23.01
CA PRO B 103 -6.22 -11.42 -23.41
C PRO B 103 -5.53 -10.17 -24.00
N GLU B 104 -6.24 -9.26 -24.67
CA GLU B 104 -5.55 -8.06 -25.16
C GLU B 104 -4.95 -7.30 -23.98
N LEU B 105 -5.76 -7.01 -22.96
CA LEU B 105 -5.36 -6.19 -21.82
C LEU B 105 -4.78 -7.03 -20.65
N ALA B 106 -5.03 -8.35 -20.66
CA ALA B 106 -4.68 -9.23 -19.56
C ALA B 106 -3.31 -9.03 -18.99
N ASN B 107 -2.32 -8.93 -19.83
CA ASN B 107 -0.95 -8.69 -19.38
C ASN B 107 -0.53 -7.22 -19.43
N LYS B 108 -1.51 -6.32 -19.43
CA LYS B 108 -1.15 -4.94 -19.68
C LYS B 108 -1.60 -3.86 -18.68
N VAL B 109 -2.66 -4.11 -17.90
CA VAL B 109 -3.22 -3.05 -17.05
C VAL B 109 -2.71 -3.18 -15.61
N ASP B 110 -2.16 -2.10 -15.07
CA ASP B 110 -1.82 -2.05 -13.63
C ASP B 110 -3.04 -1.55 -12.87
N MET B 111 -3.18 -0.24 -12.70
CA MET B 111 -4.31 0.33 -11.96
CA MET B 111 -4.32 0.30 -11.98
C MET B 111 -5.39 0.82 -12.92
N VAL B 112 -6.64 0.82 -12.46
CA VAL B 112 -7.78 1.40 -13.20
C VAL B 112 -8.25 2.71 -12.55
N TRP B 113 -8.37 3.74 -13.37
CA TRP B 113 -8.75 5.08 -12.88
C TRP B 113 -9.98 5.54 -13.61
N ILE B 114 -11.01 5.89 -12.86
CA ILE B 114 -12.20 6.49 -13.45
C ILE B 114 -12.05 8.02 -13.42
N VAL B 115 -12.18 8.67 -14.57
CA VAL B 115 -11.87 10.07 -14.70
C VAL B 115 -13.08 10.93 -15.19
N GLY B 116 -14.27 10.44 -14.95
CA GLY B 116 -15.51 11.17 -15.18
C GLY B 116 -16.18 10.79 -16.50
N GLY B 117 -17.36 11.36 -16.76
CA GLY B 117 -17.96 12.36 -15.90
C GLY B 117 -18.94 11.83 -14.88
N SER B 118 -19.99 12.61 -14.59
CA SER B 118 -20.87 12.35 -13.45
C SER B 118 -21.46 10.92 -13.39
N SER B 119 -21.92 10.39 -14.52
CA SER B 119 -22.60 9.10 -14.48
C SER B 119 -21.58 7.97 -14.24
N VAL B 120 -20.37 8.20 -14.73
CA VAL B 120 -19.27 7.26 -14.60
C VAL B 120 -18.83 7.22 -13.13
N TYR B 121 -18.69 8.39 -12.52
CA TYR B 121 -18.34 8.45 -11.09
C TYR B 121 -19.41 7.81 -10.21
N LYS B 122 -20.68 8.12 -10.47
CA LYS B 122 -21.78 7.58 -9.66
C LYS B 122 -21.78 6.04 -9.65
N GLU B 123 -21.67 5.46 -10.84
CA GLU B 123 -21.66 4.00 -10.94
C GLU B 123 -20.40 3.39 -10.32
N ALA B 124 -19.25 4.02 -10.55
CA ALA B 124 -18.03 3.49 -9.97
C ALA B 124 -18.08 3.54 -8.46
N MET B 125 -18.63 4.62 -7.90
CA MET B 125 -18.64 4.81 -6.44
C MET B 125 -19.49 3.78 -5.68
N ASN B 126 -20.43 3.17 -6.40
CA ASN B 126 -21.26 2.13 -5.79
CA ASN B 126 -21.26 2.12 -5.80
C ASN B 126 -20.84 0.73 -6.19
N HIS B 127 -19.73 0.61 -6.90
CA HIS B 127 -19.23 -0.68 -7.34
C HIS B 127 -18.70 -1.45 -6.14
N PRO B 128 -18.91 -2.78 -6.12
CA PRO B 128 -18.44 -3.51 -4.93
C PRO B 128 -16.93 -3.49 -4.80
N GLY B 129 -16.46 -3.62 -3.56
CA GLY B 129 -15.04 -3.87 -3.35
C GLY B 129 -14.28 -2.64 -2.93
N HIS B 130 -12.97 -2.70 -3.11
CA HIS B 130 -12.15 -1.61 -2.68
C HIS B 130 -12.22 -0.49 -3.69
N LEU B 131 -12.32 0.72 -3.17
CA LEU B 131 -12.34 1.91 -4.01
CA LEU B 131 -12.34 1.91 -4.00
C LEU B 131 -11.66 3.07 -3.31
N LYS B 132 -10.86 3.83 -4.04
CA LYS B 132 -10.33 5.08 -3.49
C LYS B 132 -10.85 6.21 -4.36
N LEU B 133 -11.24 7.30 -3.71
CA LEU B 133 -11.65 8.54 -4.41
C LEU B 133 -10.66 9.63 -4.08
N PHE B 134 -10.01 10.15 -5.11
CA PHE B 134 -9.06 11.24 -4.98
C PHE B 134 -9.80 12.51 -5.38
N VAL B 135 -10.16 13.32 -4.38
CA VAL B 135 -11.07 14.43 -4.60
C VAL B 135 -10.32 15.72 -4.27
N THR B 136 -10.20 16.58 -5.28
CA THR B 136 -9.59 17.87 -5.03
C THR B 136 -10.72 18.83 -4.68
N ARG B 137 -10.68 19.41 -3.49
CA ARG B 137 -11.72 20.35 -3.07
C ARG B 137 -11.26 21.76 -3.42
N ILE B 138 -11.83 22.34 -4.48
CA ILE B 138 -11.58 23.74 -4.86
C ILE B 138 -12.48 24.57 -3.97
N MET B 139 -11.86 25.43 -3.17
CA MET B 139 -12.53 26.09 -2.06
CA MET B 139 -12.54 26.10 -2.08
C MET B 139 -13.14 27.43 -2.49
N GLN B 140 -13.87 27.39 -3.61
CA GLN B 140 -14.58 28.54 -4.15
C GLN B 140 -15.80 28.03 -4.91
N ASP B 141 -16.83 28.87 -5.02
CA ASP B 141 -17.96 28.57 -5.88
C ASP B 141 -17.59 28.91 -7.32
N PHE B 142 -17.96 28.04 -8.25
CA PHE B 142 -17.85 28.36 -9.67
C PHE B 142 -19.12 27.94 -10.36
N GLU B 143 -19.58 28.79 -11.27
CA GLU B 143 -20.73 28.48 -12.10
C GLU B 143 -20.47 27.20 -12.88
N SER B 144 -21.36 26.22 -12.71
CA SER B 144 -21.20 24.91 -13.29
C SER B 144 -22.50 24.39 -13.88
N ASP B 145 -22.40 23.45 -14.77
CA ASP B 145 -23.53 22.77 -15.34
C ASP B 145 -23.45 21.22 -15.23
N THR B 146 -22.41 20.75 -14.56
CA THR B 146 -22.13 19.32 -14.40
C THR B 146 -21.60 19.17 -12.98
N PHE B 147 -22.09 18.17 -12.25
CA PHE B 147 -21.88 18.14 -10.81
C PHE B 147 -21.39 16.80 -10.29
N PHE B 148 -20.69 16.82 -9.16
CA PHE B 148 -20.20 15.57 -8.56
C PHE B 148 -21.19 15.13 -7.51
N PRO B 149 -21.68 13.88 -7.64
CA PRO B 149 -22.60 13.18 -6.76
C PRO B 149 -21.99 13.15 -5.38
N GLU B 150 -22.73 13.53 -4.35
CA GLU B 150 -22.16 13.62 -3.00
C GLU B 150 -21.63 12.29 -2.40
N ILE B 151 -20.73 12.42 -1.44
CA ILE B 151 -20.04 11.26 -0.87
C ILE B 151 -20.70 10.77 0.40
N ASP B 152 -21.09 9.51 0.37
CA ASP B 152 -21.78 8.86 1.49
C ASP B 152 -20.78 8.43 2.55
N LEU B 153 -20.72 9.12 3.68
CA LEU B 153 -19.73 8.74 4.70
C LEU B 153 -20.12 7.44 5.42
N GLU B 154 -21.27 6.93 5.07
CA GLU B 154 -21.68 5.59 5.51
C GLU B 154 -20.76 4.58 4.85
N LYS B 155 -20.35 4.89 3.64
CA LYS B 155 -19.57 3.97 2.81
C LYS B 155 -18.10 4.32 2.76
N TYR B 156 -17.81 5.62 2.67
CA TYR B 156 -16.43 6.10 2.56
C TYR B 156 -15.90 6.74 3.82
N LYS B 157 -14.61 6.53 4.10
CA LYS B 157 -13.91 7.24 5.17
C LYS B 157 -13.00 8.25 4.51
N LEU B 158 -12.96 9.47 5.04
CA LEU B 158 -11.93 10.42 4.64
C LEU B 158 -10.66 10.07 5.36
N LEU B 159 -9.61 9.77 4.62
CA LEU B 159 -8.35 9.40 5.22
C LEU B 159 -7.62 10.64 5.69
N PRO B 160 -7.03 10.58 6.89
CA PRO B 160 -6.43 11.77 7.50
C PRO B 160 -5.22 12.27 6.70
N GLU B 161 -4.42 11.35 6.19
CA GLU B 161 -3.33 11.75 5.32
C GLU B 161 -3.22 10.61 4.36
N TYR B 162 -2.30 10.73 3.41
CA TYR B 162 -2.11 9.64 2.50
C TYR B 162 -0.77 9.78 1.83
N PRO B 163 -0.02 8.66 1.72
CA PRO B 163 1.32 8.75 1.16
C PRO B 163 1.33 9.29 -0.28
N GLY B 164 2.18 10.26 -0.54
CA GLY B 164 2.29 10.77 -1.90
C GLY B 164 1.27 11.86 -2.22
N VAL B 165 0.44 12.20 -1.23
CA VAL B 165 -0.56 13.27 -1.37
C VAL B 165 -0.31 14.38 -0.34
N LEU B 166 -0.18 15.62 -0.81
CA LEU B 166 0.07 16.74 0.08
C LEU B 166 -1.14 16.99 0.97
N SER B 167 -0.92 17.35 2.23
CA SER B 167 -2.02 17.52 3.18
C SER B 167 -2.50 18.95 3.35
N ASP B 168 -1.61 19.91 3.08
CA ASP B 168 -1.91 21.31 3.38
C ASP B 168 -2.71 21.94 2.26
N VAL B 169 -3.41 23.01 2.59
CA VAL B 169 -4.10 23.77 1.54
C VAL B 169 -3.11 24.26 0.52
N GLN B 170 -3.48 24.12 -0.76
CA GLN B 170 -2.67 24.56 -1.89
C GLN B 170 -3.27 25.84 -2.43
N GLU B 171 -2.50 26.59 -3.20
CA GLU B 171 -3.05 27.77 -3.87
C GLU B 171 -2.40 28.01 -5.21
N GLU B 172 -3.20 28.18 -6.26
CA GLU B 172 -2.64 28.57 -7.57
C GLU B 172 -3.56 29.62 -8.18
N LYS B 173 -2.97 30.64 -8.80
CA LYS B 173 -3.81 31.68 -9.38
C LYS B 173 -4.84 32.25 -8.39
N GLY B 174 -4.41 32.36 -7.14
CA GLY B 174 -5.27 32.83 -6.07
C GLY B 174 -6.43 31.93 -5.65
N ILE B 175 -6.46 30.70 -6.13
CA ILE B 175 -7.54 29.78 -5.79
C ILE B 175 -6.99 28.73 -4.88
N LYS B 176 -7.60 28.64 -3.70
CA LYS B 176 -7.19 27.66 -2.72
C LYS B 176 -7.90 26.32 -2.96
N TYR B 177 -7.17 25.23 -2.74
CA TYR B 177 -7.76 23.89 -2.89
C TYR B 177 -7.02 22.90 -1.98
N LYS B 178 -7.61 21.73 -1.73
CA LYS B 178 -7.04 20.75 -0.81
C LYS B 178 -7.20 19.40 -1.49
N PHE B 179 -6.17 18.54 -1.44
CA PHE B 179 -6.32 17.18 -2.01
C PHE B 179 -6.87 16.27 -0.89
N GLU B 180 -7.95 15.54 -1.19
CA GLU B 180 -8.52 14.60 -0.21
C GLU B 180 -8.48 13.18 -0.77
N VAL B 181 -8.37 12.18 0.11
CA VAL B 181 -8.50 10.80 -0.32
C VAL B 181 -9.54 10.11 0.53
N TYR B 182 -10.56 9.51 -0.11
CA TYR B 182 -11.62 8.74 0.56
C TYR B 182 -11.43 7.27 0.20
N GLU B 183 -11.89 6.39 1.09
CA GLU B 183 -11.69 4.99 0.82
C GLU B 183 -12.86 4.19 1.35
N LYS B 184 -13.29 3.19 0.58
CA LYS B 184 -14.15 2.15 1.10
C LYS B 184 -13.51 0.80 0.82
N ASN B 185 -13.86 -0.20 1.62
CA ASN B 185 -13.19 -1.48 1.52
C ASN B 185 -14.10 -2.60 1.02
N ASP B 186 -15.42 -2.39 1.15
CA ASP B 186 -16.41 -3.38 0.76
C ASP B 186 -17.55 -2.76 -0.03
PA NDP C . 15.72 0.21 14.42
O1A NDP C . 16.67 -0.80 13.99
O2A NDP C . 14.42 -0.27 14.94
O5B NDP C . 16.37 1.08 15.63
C5B NDP C . 17.72 1.48 15.52
C4B NDP C . 18.28 1.62 16.94
O4B NDP C . 18.09 0.40 17.64
C3B NDP C . 19.78 1.90 16.97
O3B NDP C . 19.99 3.29 17.04
C2B NDP C . 20.20 1.20 18.25
O2B NDP C . 19.72 1.99 19.29
C1B NDP C . 19.31 -0.02 18.25
N9A NDP C . 19.91 -1.14 17.49
C8A NDP C . 19.70 -1.38 16.15
N7A NDP C . 20.41 -2.48 15.78
C5A NDP C . 21.05 -2.96 16.87
C6A NDP C . 21.89 -4.05 17.02
N6A NDP C . 22.17 -4.86 16.00
N1A NDP C . 22.43 -4.31 18.25
C2A NDP C . 22.13 -3.47 19.31
N3A NDP C . 21.29 -2.38 19.16
C4A NDP C . 20.75 -2.12 17.94
O3 NDP C . 15.64 1.33 13.32
PN NDP C . 15.22 1.41 11.78
O1N NDP C . 15.15 2.86 11.55
O2N NDP C . 16.13 0.61 10.96
O5D NDP C . 13.73 0.84 11.71
C5D NDP C . 12.63 1.62 12.05
C4D NDP C . 11.80 1.91 10.81
O4D NDP C . 11.54 0.70 10.13
C3D NDP C . 10.44 2.48 11.17
O3D NDP C . 10.04 3.33 10.12
C2D NDP C . 9.56 1.25 11.24
O2D NDP C . 8.21 1.57 11.04
C1D NDP C . 10.15 0.46 10.11
N1N NDP C . 9.99 -1.01 10.18
C2N NDP C . 9.49 -1.68 9.11
C3N NDP C . 9.40 -3.05 9.14
C7N NDP C . 8.71 -3.73 8.00
O7N NDP C . 8.67 -5.10 8.05
N7N NDP C . 8.18 -2.96 7.03
C4N NDP C . 9.78 -3.79 10.25
C5N NDP C . 10.30 -3.10 11.34
C6N NDP C . 10.42 -1.72 11.27
P2B NDP C . 20.67 2.95 20.19
O1X NDP C . 21.95 2.19 20.40
O2X NDP C . 20.88 4.21 19.40
O3X NDP C . 19.87 3.19 21.42
CAA 1R0 D . 3.07 -5.74 10.19
CAP 1R0 D . 4.01 -5.09 9.19
C4 1R0 D . 4.97 -6.05 9.11
N3 1R0 D . 4.84 -7.04 8.24
C2 1R0 D . 5.77 -8.01 8.19
NAC 1R0 D . 5.62 -9.00 7.31
N1 1R0 D . 6.83 -7.99 9.00
C6 1R0 D . 6.99 -6.99 9.89
NAD 1R0 D . 8.02 -6.89 10.75
C5 1R0 D . 6.05 -5.99 9.99
CAF 1R0 D . 6.17 -4.91 10.94
CAE 1R0 D . 6.24 -4.06 11.69
CAQ 1R0 D . 6.29 -2.96 12.64
CAW 1R0 D . 5.03 -2.90 13.29
CAN 1R0 D . 4.50 -3.99 14.03
CAM 1R0 D . 4.29 -1.72 13.14
CAY 1R0 D . 3.06 -1.62 13.75
OAU 1R0 D . 2.16 -0.58 13.75
CAB 1R0 D . 2.46 0.61 13.04
CAO 1R0 D . 2.60 -2.68 14.46
CAZ 1R0 D . 3.25 -3.87 14.68
CBC 1R0 D . 2.57 -4.87 15.43
CBE 1R0 D . 1.34 -4.76 16.14
CAK 1R0 D . 0.56 -3.60 16.19
CAH 1R0 D . -0.65 -3.49 16.85
NAR 1R0 D . -1.14 -4.58 17.54
CAL 1R0 D . -0.40 -5.76 17.51
CBD 1R0 D . 0.81 -5.86 16.83
CAJ 1R0 D . 1.44 -7.08 16.87
CAG 1R0 D . 2.64 -7.19 16.20
CAI 1R0 D . 3.19 -6.10 15.52
MG MG E . -0.35 -6.01 21.32
CL CL F . 4.34 -16.84 -2.39
C1 EOH G . 0.01 5.87 18.91
C2 EOH G . -0.35 6.15 17.49
O EOH G . 1.24 6.46 19.20
MG MG H . 5.75 6.40 1.44
PA NDP I . -19.46 12.24 -19.65
O1A NDP I . -19.83 11.26 -18.61
O2A NDP I . -18.00 12.44 -19.82
O5B NDP I . -20.14 11.78 -21.05
C5B NDP I . -21.50 11.33 -21.16
C4B NDP I . -21.59 10.32 -22.32
O4B NDP I . -20.64 9.30 -22.13
C3B NDP I . -22.93 9.59 -22.53
O3B NDP I . -23.77 10.36 -23.34
C2B NDP I . -22.49 8.30 -23.19
O2B NDP I . -22.10 8.50 -24.53
C1B NDP I . -21.16 8.03 -22.51
N9A NDP I . -21.29 7.29 -21.25
C8A NDP I . -21.22 7.81 -19.98
N7A NDP I . -21.38 6.81 -19.08
C5A NDP I . -21.54 5.67 -19.79
C6A NDP I . -21.74 4.36 -19.37
N6A NDP I . -21.79 4.09 -18.08
N1A NDP I . -21.87 3.37 -20.31
C2A NDP I . -21.82 3.67 -21.65
N3A NDP I . -21.62 4.98 -22.06
C4A NDP I . -21.48 5.95 -21.13
O3 NDP I . -20.21 13.62 -19.36
PN NDP I . -20.42 14.72 -18.22
O1N NDP I . -21.18 15.80 -18.89
O2N NDP I . -20.96 14.06 -17.00
O5D NDP I . -18.95 15.23 -17.90
C5D NDP I . -18.22 16.06 -18.78
C4D NDP I . -18.07 17.42 -18.14
O4D NDP I . -17.37 17.28 -16.93
C3D NDP I . -17.20 18.34 -18.98
O3D NDP I . -17.53 19.67 -18.64
C2D NDP I . -15.80 18.07 -18.45
O2D NDP I . -14.98 19.18 -18.58
C1D NDP I . -16.12 17.91 -16.98
N1N NDP I . -15.24 17.03 -16.21
C2N NDP I . -14.66 17.54 -15.09
C3N NDP I . -13.89 16.71 -14.30
C7N NDP I . -13.29 17.25 -13.01
O7N NDP I . -12.56 16.37 -12.24
N7N NDP I . -13.49 18.53 -12.71
C4N NDP I . -13.72 15.37 -14.63
C5N NDP I . -14.32 14.86 -15.78
C6N NDP I . -15.10 15.72 -16.56
P2B NDP I . -23.12 8.13 -25.73
O1X NDP I . -23.74 6.78 -25.45
O2X NDP I . -24.12 9.26 -25.67
O3X NDP I . -22.34 8.09 -27.01
N1 FOL J . -9.21 15.12 -11.70
C2 FOL J . -8.56 16.16 -11.16
NA2 FOL J . -8.06 16.09 -9.91
N3 FOL J . -8.41 17.31 -11.83
C4 FOL J . -8.90 17.45 -13.07
O4 FOL J . -8.78 18.60 -13.76
C4A FOL J . -9.55 16.40 -13.69
N5 FOL J . -10.04 16.53 -14.95
C6 FOL J . -10.68 15.49 -15.54
C7 FOL J . -10.82 14.29 -14.82
N8 FOL J . -10.34 14.20 -13.51
C8A FOL J . -9.70 15.22 -12.96
C9 FOL J . -11.22 15.56 -16.85
N10 FOL J . -10.63 16.57 -17.76
C11 FOL J . -6.76 16.62 -19.30
C12 FOL J . -7.67 17.63 -19.64
C13 FOL J . -8.96 17.57 -19.11
C14 FOL J . -9.37 16.56 -18.24
C15 FOL J . -8.46 15.57 -17.88
C16 FOL J . -7.17 15.63 -18.39
C FOL J . -5.44 16.64 -19.76
O FOL J . -5.13 17.25 -20.79
N FOL J . -4.59 15.80 -19.12
CA FOL J . -3.14 15.70 -19.50
CB FOL J . -2.29 16.96 -19.29
CG FOL J . -2.22 17.42 -17.84
CD FOL J . -1.36 18.70 -17.78
OE1 FOL J . -1.46 19.49 -18.74
OE2 FOL J . -0.59 18.85 -16.81
CT FOL J . -2.44 14.50 -18.80
O1 FOL J . -1.36 14.16 -19.31
O2 FOL J . -2.98 13.98 -17.77
MG MG K . -10.99 20.27 -20.08
CL CL L . -2.19 25.59 -18.02
MG MG M . 5.09 5.21 -14.35
MG MG N . -16.93 8.40 7.37
#